data_8JZW
#
_entry.id   8JZW
#
_cell.length_a   36.247
_cell.length_b   98.690
_cell.length_c   40.741
_cell.angle_alpha   90.00
_cell.angle_beta   97.46
_cell.angle_gamma   90.00
#
_symmetry.space_group_name_H-M   'P 1 21 1'
#
loop_
_entity.id
_entity.type
_entity.pdbx_description
1 polymer 'Chromobox homolog 3 (HP1 gamma homolog, Drosophila)'
2 polymer ASN-SER-GLU-HIS-LYS-ILE-PRO-TYR-VAL-ARG-LEU-GLU-ARG-LEU-LYS-ILE-CYS-ALA
3 water water
#
loop_
_entity_poly.entity_id
_entity_poly.type
_entity_poly.pdbx_seq_one_letter_code
_entity_poly.pdbx_strand_id
1 'polypeptide(L)' HHHHHHMAADKPRGFARGLDPERIIGATDSSGELMFLMKWKDSDEADLVLAKEANMKCPQIVIAFYEERLTWHSCPEDEA C,D,A,B
2 'polypeptide(L)' NSEHKIPYVRLERLKICA F,E
#
# COMPACT_ATOMS: atom_id res chain seq x y z
N LYS A 11 2.47 24.16 -5.17
CA LYS A 11 1.39 23.85 -6.09
C LYS A 11 1.68 22.73 -7.12
N PRO A 12 2.93 22.51 -7.54
CA PRO A 12 3.19 21.34 -8.40
C PRO A 12 2.80 20.07 -7.66
N ARG A 13 2.17 19.15 -8.39
CA ARG A 13 1.63 17.94 -7.80
C ARG A 13 2.10 16.73 -8.60
N GLY A 14 2.22 15.59 -7.91
CA GLY A 14 2.46 14.34 -8.61
C GLY A 14 3.80 14.37 -9.31
N PHE A 15 3.81 13.94 -10.57
CA PHE A 15 5.05 13.85 -11.31
C PHE A 15 5.65 15.23 -11.56
N ALA A 16 4.85 16.29 -11.54
CA ALA A 16 5.36 17.64 -11.72
C ALA A 16 6.23 18.10 -10.56
N ARG A 17 6.28 17.35 -9.46
CA ARG A 17 7.19 17.70 -8.38
C ARG A 17 8.62 17.28 -8.66
N GLY A 18 8.84 16.50 -9.72
CA GLY A 18 10.18 16.14 -10.15
C GLY A 18 10.85 15.09 -9.32
N LEU A 19 10.11 14.34 -8.51
CA LEU A 19 10.66 13.28 -7.68
C LEU A 19 10.54 11.92 -8.37
N ASP A 20 11.31 10.99 -7.87
CA ASP A 20 11.31 9.63 -8.42
C ASP A 20 10.20 8.82 -7.76
N PRO A 21 9.38 8.11 -8.54
CA PRO A 21 8.36 7.25 -7.93
C PRO A 21 9.00 6.12 -7.16
N GLU A 22 8.39 5.76 -6.04
CA GLU A 22 8.89 4.69 -5.20
C GLU A 22 7.93 3.51 -5.12
N ARG A 23 6.69 3.71 -4.70
CA ARG A 23 5.70 2.64 -4.78
C ARG A 23 4.31 3.23 -4.66
N ILE A 24 3.37 2.51 -5.24
CA ILE A 24 1.96 2.90 -5.20
C ILE A 24 1.35 2.36 -3.91
N ILE A 25 0.72 3.25 -3.15
CA ILE A 25 0.18 2.91 -1.84
C ILE A 25 -1.33 3.13 -1.78
N GLY A 26 -2.00 3.16 -2.93
CA GLY A 26 -3.43 3.27 -2.96
C GLY A 26 -3.93 3.42 -4.38
N ALA A 27 -5.20 3.13 -4.62
CA ALA A 27 -5.74 3.38 -5.95
C ALA A 27 -7.20 3.79 -5.84
N THR A 28 -7.64 4.65 -6.75
CA THR A 28 -9.06 5.01 -6.81
C THR A 28 -9.43 5.41 -8.23
N ASP A 29 -10.62 4.96 -8.69
CA ASP A 29 -11.15 5.44 -9.97
C ASP A 29 -12.44 6.24 -9.81
N SER A 30 -12.65 6.84 -8.63
CA SER A 30 -13.89 7.55 -8.35
C SER A 30 -14.10 8.73 -9.28
N SER A 31 -13.02 9.28 -9.84
CA SER A 31 -13.08 10.45 -10.71
C SER A 31 -13.49 10.12 -12.14
N GLY A 32 -13.57 8.85 -12.51
CA GLY A 32 -13.73 8.47 -13.90
C GLY A 32 -12.45 8.02 -14.57
N GLU A 33 -11.32 8.24 -13.93
CA GLU A 33 -10.04 7.71 -14.40
C GLU A 33 -9.32 7.08 -13.22
N LEU A 34 -8.57 6.03 -13.51
CA LEU A 34 -7.83 5.35 -12.46
C LEU A 34 -6.65 6.22 -12.01
N MET A 35 -6.57 6.44 -10.70
CA MET A 35 -5.53 7.22 -10.04
C MET A 35 -4.79 6.35 -9.05
N PHE A 36 -3.48 6.58 -8.92
CA PHE A 36 -2.66 5.93 -7.92
C PHE A 36 -2.20 6.96 -6.90
N LEU A 37 -2.21 6.58 -5.62
CA LEU A 37 -1.54 7.38 -4.59
C LEU A 37 -0.06 6.97 -4.61
N MET A 38 0.81 7.89 -5.01
CA MET A 38 2.21 7.57 -5.27
C MET A 38 3.04 8.05 -4.09
N LYS A 39 3.72 7.12 -3.45
CA LYS A 39 4.82 7.43 -2.54
C LYS A 39 6.07 7.73 -3.36
N TRP A 40 6.69 8.90 -3.12
CA TRP A 40 7.86 9.35 -3.84
C TRP A 40 9.12 9.12 -3.02
N LYS A 41 10.23 8.89 -3.71
CA LYS A 41 11.51 8.72 -3.03
C LYS A 41 11.87 9.97 -2.24
N ASP A 42 12.32 9.77 -1.00
CA ASP A 42 12.84 10.84 -0.15
C ASP A 42 11.83 11.97 0.02
N SER A 43 10.56 11.61 0.14
CA SER A 43 9.51 12.55 0.50
C SER A 43 8.46 11.81 1.31
N ASP A 44 8.02 12.42 2.40
CA ASP A 44 6.94 11.85 3.18
C ASP A 44 5.57 12.09 2.57
N GLU A 45 5.48 12.91 1.54
CA GLU A 45 4.20 13.45 1.07
C GLU A 45 3.77 12.75 -0.22
N ALA A 46 2.91 11.75 -0.10
CA ALA A 46 2.38 11.05 -1.27
C ALA A 46 1.26 11.86 -1.91
N ASP A 47 1.12 11.72 -3.23
CA ASP A 47 0.04 12.41 -3.91
C ASP A 47 -0.44 11.54 -5.06
N LEU A 48 -1.60 11.92 -5.61
CA LEU A 48 -2.26 11.14 -6.65
C LEU A 48 -1.69 11.46 -8.01
N VAL A 49 -1.57 10.43 -8.85
CA VAL A 49 -1.16 10.56 -10.23
C VAL A 49 -2.12 9.72 -11.07
N LEU A 50 -2.26 10.12 -12.34
CA LEU A 50 -3.02 9.33 -13.29
C LEU A 50 -2.35 8.00 -13.55
N ALA A 51 -3.12 6.91 -13.49
CA ALA A 51 -2.57 5.61 -13.86
C ALA A 51 -1.96 5.64 -15.26
N LYS A 52 -2.62 6.35 -16.18
CA LYS A 52 -2.11 6.43 -17.55
C LYS A 52 -0.68 6.95 -17.56
N GLU A 53 -0.39 7.94 -16.70
CA GLU A 53 0.95 8.51 -16.65
C GLU A 53 1.92 7.56 -15.97
N ALA A 54 1.50 6.94 -14.85
CA ALA A 54 2.37 6.00 -14.15
C ALA A 54 2.65 4.78 -15.00
N ASN A 55 1.66 4.31 -15.77
CA ASN A 55 1.90 3.19 -16.67
C ASN A 55 3.10 3.44 -17.54
N MET A 56 3.26 4.67 -18.03
CA MET A 56 4.35 4.98 -18.95
C MET A 56 5.65 5.30 -18.22
N LYS A 57 5.58 6.08 -17.14
CA LYS A 57 6.80 6.53 -16.49
C LYS A 57 7.40 5.47 -15.57
N CYS A 58 6.58 4.63 -14.96
CA CYS A 58 7.12 3.62 -14.04
C CYS A 58 6.31 2.34 -14.13
N PRO A 59 6.32 1.66 -15.29
CA PRO A 59 5.47 0.47 -15.45
C PRO A 59 5.74 -0.63 -14.43
N GLN A 60 6.99 -0.83 -14.01
CA GLN A 60 7.23 -1.92 -13.07
C GLN A 60 6.73 -1.58 -11.68
N ILE A 61 6.63 -0.30 -11.32
CA ILE A 61 6.02 0.06 -10.04
C ILE A 61 4.51 -0.18 -10.09
N VAL A 62 3.89 0.10 -11.24
CA VAL A 62 2.49 -0.23 -11.45
C VAL A 62 2.27 -1.73 -11.33
N ILE A 63 3.08 -2.51 -12.03
CA ILE A 63 2.92 -3.97 -12.01
C ILE A 63 3.09 -4.50 -10.59
N ALA A 64 3.99 -3.89 -9.80
CA ALA A 64 4.19 -4.36 -8.43
C ALA A 64 2.92 -4.16 -7.59
N PHE A 65 2.24 -3.02 -7.77
CA PHE A 65 0.99 -2.78 -7.06
C PHE A 65 -0.05 -3.81 -7.41
N TYR A 66 -0.12 -4.22 -8.68
CA TYR A 66 -1.09 -5.25 -9.06
C TYR A 66 -0.69 -6.63 -8.56
N GLU A 67 0.60 -6.99 -8.66
CA GLU A 67 1.03 -8.34 -8.30
C GLU A 67 0.84 -8.63 -6.82
N GLU A 68 0.94 -7.63 -5.97
CA GLU A 68 0.79 -7.89 -4.53
C GLU A 68 -0.65 -8.17 -4.11
N ARG A 69 -1.63 -8.01 -4.99
CA ARG A 69 -3.04 -8.17 -4.60
C ARG A 69 -3.79 -9.07 -5.57
N LEU A 70 -3.11 -10.07 -6.13
CA LEU A 70 -3.79 -11.04 -6.98
C LEU A 70 -4.66 -11.95 -6.15
N THR A 71 -5.86 -12.22 -6.66
CA THR A 71 -6.77 -13.17 -6.03
C THR A 71 -7.38 -14.05 -7.11
N TRP A 72 -7.66 -15.30 -6.75
CA TRP A 72 -8.26 -16.24 -7.68
C TRP A 72 -9.73 -16.44 -7.32
N PRO B 12 8.60 -24.41 -31.00
CA PRO B 12 8.95 -23.24 -30.18
C PRO B 12 7.73 -22.75 -29.40
N ARG B 13 7.91 -22.27 -28.17
CA ARG B 13 6.80 -21.91 -27.33
C ARG B 13 6.90 -20.46 -26.88
N GLY B 14 5.74 -19.82 -26.71
CA GLY B 14 5.68 -18.52 -26.07
C GLY B 14 6.37 -17.44 -26.90
N PHE B 15 7.26 -16.70 -26.24
CA PHE B 15 7.98 -15.62 -26.89
C PHE B 15 8.93 -16.13 -27.97
N ALA B 16 9.38 -17.38 -27.87
CA ALA B 16 10.27 -17.97 -28.87
C ALA B 16 9.58 -18.19 -30.21
N ARG B 17 8.26 -18.13 -30.27
CA ARG B 17 7.59 -18.11 -31.56
C ARG B 17 7.88 -16.81 -32.32
N GLY B 18 8.47 -15.82 -31.66
CA GLY B 18 8.83 -14.56 -32.29
C GLY B 18 7.68 -13.73 -32.79
N LEU B 19 6.47 -13.97 -32.28
CA LEU B 19 5.32 -13.16 -32.65
C LEU B 19 5.14 -12.01 -31.67
N ASP B 20 4.54 -10.93 -32.15
CA ASP B 20 4.32 -9.79 -31.26
C ASP B 20 3.16 -10.10 -30.32
N PRO B 21 3.30 -9.85 -29.03
CA PRO B 21 2.17 -10.07 -28.11
C PRO B 21 1.04 -9.11 -28.44
N GLU B 22 -0.19 -9.57 -28.23
CA GLU B 22 -1.32 -8.71 -28.54
C GLU B 22 -2.22 -8.48 -27.33
N ARG B 23 -2.63 -9.54 -26.63
CA ARG B 23 -3.49 -9.42 -25.46
C ARG B 23 -3.30 -10.67 -24.60
N ILE B 24 -3.35 -10.49 -23.29
CA ILE B 24 -3.43 -11.62 -22.37
C ILE B 24 -4.89 -12.00 -22.22
N ILE B 25 -5.20 -13.28 -22.42
CA ILE B 25 -6.59 -13.73 -22.37
C ILE B 25 -6.84 -14.69 -21.22
N GLY B 26 -5.87 -14.84 -20.31
CA GLY B 26 -6.06 -15.77 -19.22
C GLY B 26 -4.77 -15.95 -18.43
N ALA B 27 -4.87 -16.70 -17.35
CA ALA B 27 -3.76 -16.83 -16.42
C ALA B 27 -3.89 -18.12 -15.64
N THR B 28 -2.75 -18.68 -15.23
CA THR B 28 -2.76 -19.83 -14.34
C THR B 28 -1.48 -19.87 -13.52
N ASP B 29 -1.57 -20.46 -12.32
CA ASP B 29 -0.43 -20.72 -11.46
C ASP B 29 -0.16 -22.21 -11.28
N SER B 30 -0.72 -23.06 -12.14
CA SER B 30 -0.58 -24.50 -11.97
C SER B 30 0.85 -24.99 -12.21
N SER B 31 1.67 -24.23 -12.92
CA SER B 31 3.08 -24.58 -13.03
C SER B 31 3.87 -24.26 -11.78
N GLY B 32 3.28 -23.57 -10.81
CA GLY B 32 4.00 -23.09 -9.65
C GLY B 32 4.52 -21.68 -9.76
N GLU B 33 4.48 -21.09 -10.94
CA GLU B 33 4.68 -19.66 -11.10
C GLU B 33 3.56 -19.09 -11.96
N LEU B 34 3.29 -17.81 -11.77
CA LEU B 34 2.23 -17.18 -12.55
C LEU B 34 2.60 -17.17 -14.03
N MET B 35 1.70 -17.71 -14.86
CA MET B 35 1.82 -17.67 -16.30
C MET B 35 0.60 -16.99 -16.91
N PHE B 36 0.80 -16.33 -18.06
CA PHE B 36 -0.28 -15.73 -18.82
C PHE B 36 -0.52 -16.54 -20.09
N LEU B 37 -1.80 -16.68 -20.46
CA LEU B 37 -2.15 -17.16 -21.80
C LEU B 37 -2.09 -15.96 -22.73
N MET B 38 -1.11 -15.95 -23.64
CA MET B 38 -0.84 -14.77 -24.47
C MET B 38 -1.48 -15.04 -25.84
N LYS B 39 -2.37 -14.15 -26.27
CA LYS B 39 -2.81 -14.17 -27.65
C LYS B 39 -1.88 -13.27 -28.45
N TRP B 40 -1.31 -13.82 -29.52
CA TRP B 40 -0.34 -13.11 -30.35
C TRP B 40 -1.02 -12.55 -31.60
N LYS B 41 -0.53 -11.40 -32.06
CA LYS B 41 -1.12 -10.81 -33.26
C LYS B 41 -0.77 -11.67 -34.47
N ASP B 42 -1.74 -11.82 -35.38
CA ASP B 42 -1.61 -12.64 -36.58
C ASP B 42 -1.29 -14.09 -36.24
N SER B 43 -1.96 -14.62 -35.22
CA SER B 43 -1.90 -16.04 -34.89
C SER B 43 -3.08 -16.36 -33.99
N ASP B 44 -3.79 -17.43 -34.31
CA ASP B 44 -4.93 -17.86 -33.52
C ASP B 44 -4.56 -18.89 -32.46
N GLU B 45 -3.28 -19.24 -32.37
CA GLU B 45 -2.79 -20.23 -31.41
C GLU B 45 -2.13 -19.50 -30.24
N ALA B 46 -2.88 -19.32 -29.16
CA ALA B 46 -2.34 -18.70 -27.95
C ALA B 46 -1.57 -19.75 -27.14
N ASP B 47 -0.62 -19.28 -26.32
CA ASP B 47 0.04 -20.20 -25.40
C ASP B 47 0.62 -19.42 -24.22
N LEU B 48 1.26 -20.16 -23.32
CA LEU B 48 1.59 -19.68 -21.98
C LEU B 48 2.98 -19.08 -21.95
N VAL B 49 3.12 -17.98 -21.21
CA VAL B 49 4.39 -17.33 -20.93
C VAL B 49 4.45 -17.00 -19.45
N LEU B 50 5.65 -17.00 -18.89
CA LEU B 50 5.82 -16.57 -17.51
C LEU B 50 5.43 -15.10 -17.37
N ALA B 51 4.70 -14.78 -16.29
CA ALA B 51 4.36 -13.38 -16.03
C ALA B 51 5.60 -12.51 -15.90
N LYS B 52 6.63 -13.01 -15.20
CA LYS B 52 7.84 -12.21 -15.04
C LYS B 52 8.48 -11.88 -16.38
N GLU B 53 8.39 -12.78 -17.35
CA GLU B 53 8.92 -12.48 -18.67
C GLU B 53 8.06 -11.45 -19.38
N ALA B 54 6.73 -11.58 -19.28
CA ALA B 54 5.85 -10.60 -19.89
C ALA B 54 6.05 -9.22 -19.27
N ASN B 55 6.24 -9.17 -17.93
CA ASN B 55 6.54 -7.90 -17.26
C ASN B 55 7.64 -7.13 -17.96
N MET B 56 8.68 -7.83 -18.38
CA MET B 56 9.84 -7.17 -18.98
C MET B 56 9.66 -6.90 -20.46
N LYS B 57 9.06 -7.83 -21.19
CA LYS B 57 8.99 -7.72 -22.63
C LYS B 57 7.79 -6.91 -23.12
N CYS B 58 6.65 -6.98 -22.43
CA CYS B 58 5.45 -6.23 -22.84
C CYS B 58 4.70 -5.73 -21.60
N PRO B 59 5.33 -4.85 -20.80
CA PRO B 59 4.67 -4.38 -19.58
C PRO B 59 3.31 -3.74 -19.82
N GLN B 60 3.12 -3.02 -20.93
CA GLN B 60 1.83 -2.38 -21.16
C GLN B 60 0.73 -3.41 -21.41
N ILE B 61 1.07 -4.57 -21.96
CA ILE B 61 0.06 -5.60 -22.17
C ILE B 61 -0.30 -6.26 -20.84
N VAL B 62 0.71 -6.48 -19.99
CA VAL B 62 0.46 -6.94 -18.63
C VAL B 62 -0.44 -5.94 -17.89
N ILE B 63 -0.07 -4.66 -17.93
CA ILE B 63 -0.84 -3.65 -17.21
C ILE B 63 -2.29 -3.61 -17.70
N ALA B 64 -2.49 -3.68 -19.03
CA ALA B 64 -3.84 -3.64 -19.58
C ALA B 64 -4.69 -4.77 -19.03
N PHE B 65 -4.10 -5.96 -18.94
CA PHE B 65 -4.77 -7.13 -18.37
C PHE B 65 -5.15 -6.88 -16.91
N TYR B 66 -4.20 -6.40 -16.12
CA TYR B 66 -4.46 -6.19 -14.71
C TYR B 66 -5.49 -5.09 -14.50
N GLU B 67 -5.38 -4.00 -15.28
CA GLU B 67 -6.29 -2.86 -15.15
C GLU B 67 -7.74 -3.30 -15.30
N GLU B 68 -8.02 -4.15 -16.30
CA GLU B 68 -9.37 -4.65 -16.52
C GLU B 68 -9.91 -5.44 -15.35
N ARG B 69 -9.04 -6.10 -14.59
CA ARG B 69 -9.51 -7.01 -13.56
C ARG B 69 -9.36 -6.44 -12.16
N LEU B 70 -8.98 -5.17 -12.05
CA LEU B 70 -8.93 -4.48 -10.76
C LEU B 70 -10.34 -4.29 -10.24
N THR B 71 -10.59 -4.76 -9.02
CA THR B 71 -11.93 -4.75 -8.47
C THR B 71 -11.89 -4.43 -6.98
N TRP B 72 -12.95 -3.77 -6.53
CA TRP B 72 -13.15 -3.53 -5.11
C TRP B 72 -14.29 -4.40 -4.61
N HIS C 4 -15.79 0.56 2.52
CA HIS C 4 -14.35 0.75 2.66
C HIS C 4 -13.57 -0.47 2.18
N LYS C 5 -13.63 -0.75 0.89
CA LYS C 5 -13.05 -1.98 0.36
C LYS C 5 -11.58 -1.80 -0.05
N ILE C 6 -10.88 -2.92 -0.13
CA ILE C 6 -9.51 -2.98 -0.64
C ILE C 6 -9.56 -3.37 -2.11
N PRO C 7 -8.79 -2.72 -2.99
CA PRO C 7 -8.72 -3.19 -4.39
C PRO C 7 -7.89 -4.46 -4.52
N TYR C 8 -8.39 -5.38 -5.34
CA TYR C 8 -7.67 -6.59 -5.70
C TYR C 8 -7.72 -6.73 -7.20
N VAL C 9 -6.80 -7.53 -7.73
CA VAL C 9 -6.85 -7.98 -9.12
C VAL C 9 -7.44 -9.38 -9.10
N ARG C 10 -8.64 -9.54 -9.66
CA ARG C 10 -9.39 -10.79 -9.57
C ARG C 10 -9.11 -11.62 -10.83
N LEU C 11 -8.40 -12.72 -10.67
CA LEU C 11 -8.10 -13.62 -11.77
C LEU C 11 -8.94 -14.89 -11.65
N GLU C 12 -9.05 -15.61 -12.75
CA GLU C 12 -9.68 -16.93 -12.77
C GLU C 12 -8.71 -17.89 -13.44
N ARG C 13 -8.50 -19.05 -12.83
CA ARG C 13 -7.57 -20.01 -13.40
C ARG C 13 -8.10 -20.58 -14.71
N LEU C 14 -7.23 -20.69 -15.71
CA LEU C 14 -7.59 -21.34 -16.97
C LEU C 14 -8.13 -22.74 -16.73
N LYS C 15 -9.11 -23.12 -17.55
CA LYS C 15 -9.62 -24.49 -17.66
C LYS C 15 -10.40 -24.90 -16.42
N ASP D 10 -8.32 -23.24 5.65
CA ASP D 10 -8.02 -23.99 6.86
C ASP D 10 -6.53 -24.35 6.90
N LYS D 11 -5.82 -24.00 5.83
CA LYS D 11 -4.37 -23.88 5.89
C LYS D 11 -4.02 -22.73 6.84
N PRO D 12 -2.81 -22.71 7.39
CA PRO D 12 -2.42 -21.60 8.26
C PRO D 12 -2.57 -20.27 7.53
N ARG D 13 -3.14 -19.28 8.22
CA ARG D 13 -3.37 -17.97 7.62
C ARG D 13 -2.75 -16.90 8.51
N GLY D 14 -2.50 -15.75 7.89
CA GLY D 14 -2.01 -14.60 8.64
C GLY D 14 -0.71 -14.87 9.36
N PHE D 15 -0.64 -14.45 10.63
CA PHE D 15 0.58 -14.64 11.41
C PHE D 15 0.88 -16.10 11.66
N ALA D 16 -0.14 -16.97 11.56
CA ALA D 16 0.05 -18.40 11.78
C ALA D 16 0.94 -19.03 10.74
N ARG D 17 1.11 -18.40 9.57
CA ARG D 17 2.01 -18.92 8.56
C ARG D 17 3.47 -18.77 8.96
N GLY D 18 3.77 -18.12 10.08
CA GLY D 18 5.13 -17.96 10.54
C GLY D 18 6.03 -17.19 9.61
N LEU D 19 5.48 -16.32 8.77
CA LEU D 19 6.27 -15.46 7.91
C LEU D 19 6.56 -14.14 8.61
N ASP D 20 7.55 -13.43 8.10
CA ASP D 20 7.84 -12.10 8.62
C ASP D 20 6.96 -11.07 7.93
N PRO D 21 6.25 -10.22 8.65
CA PRO D 21 5.49 -9.16 7.98
C PRO D 21 6.43 -8.22 7.24
N GLU D 22 5.98 -7.71 6.10
CA GLU D 22 6.78 -6.77 5.32
C GLU D 22 6.13 -5.40 5.25
N ARG D 23 4.89 -5.31 4.82
CA ARG D 23 4.23 -4.02 4.81
C ARG D 23 2.74 -4.22 4.57
N ILE D 24 1.96 -3.30 5.12
CA ILE D 24 0.50 -3.34 4.98
C ILE D 24 0.13 -2.72 3.65
N ILE D 25 -0.68 -3.42 2.87
CA ILE D 25 -1.02 -2.99 1.52
C ILE D 25 -2.51 -2.73 1.36
N GLY D 26 -3.24 -2.65 2.46
CA GLY D 26 -4.64 -2.27 2.39
C GLY D 26 -5.24 -2.35 3.78
N ALA D 27 -6.37 -1.66 3.92
CA ALA D 27 -7.11 -1.67 5.17
C ALA D 27 -8.60 -1.66 4.89
N THR D 28 -9.38 -2.32 5.75
CA THR D 28 -10.84 -2.31 5.61
C THR D 28 -11.47 -2.58 6.97
N ASP D 29 -12.60 -1.93 7.24
CA ASP D 29 -13.38 -2.25 8.43
C ASP D 29 -14.77 -2.81 8.06
N SER D 30 -14.92 -3.36 6.85
CA SER D 30 -16.20 -3.91 6.41
C SER D 30 -16.65 -5.09 7.25
N SER D 31 -15.75 -5.75 7.98
CA SER D 31 -16.18 -6.85 8.85
C SER D 31 -16.74 -6.36 10.18
N GLY D 32 -16.73 -5.05 10.42
CA GLY D 32 -17.13 -4.49 11.70
C GLY D 32 -15.98 -4.17 12.62
N GLU D 33 -14.75 -4.52 12.22
CA GLU D 33 -13.54 -4.19 12.96
C GLU D 33 -12.40 -4.05 11.96
N LEU D 34 -11.36 -3.32 12.37
CA LEU D 34 -10.32 -2.93 11.43
C LEU D 34 -9.41 -4.11 11.12
N MET D 35 -9.13 -4.34 9.83
CA MET D 35 -8.26 -5.42 9.39
C MET D 35 -7.28 -4.87 8.36
N PHE D 36 -6.11 -5.45 8.31
CA PHE D 36 -5.05 -5.06 7.38
C PHE D 36 -4.78 -6.19 6.39
N LEU D 37 -4.62 -5.82 5.13
CA LEU D 37 -4.06 -6.76 4.16
C LEU D 37 -2.54 -6.73 4.29
N MET D 38 -1.94 -7.81 4.77
CA MET D 38 -0.54 -7.85 5.11
C MET D 38 0.27 -8.56 4.02
N LYS D 39 1.26 -7.85 3.49
CA LYS D 39 2.27 -8.44 2.61
C LYS D 39 3.38 -9.05 3.47
N TRP D 40 3.64 -10.34 3.29
CA TRP D 40 4.69 -11.05 4.02
C TRP D 40 5.97 -11.11 3.21
N LYS D 41 7.11 -11.14 3.91
CA LYS D 41 8.40 -11.16 3.22
C LYS D 41 8.54 -12.40 2.34
N ASP D 42 8.96 -12.19 1.10
CA ASP D 42 9.32 -13.27 0.18
C ASP D 42 8.17 -14.26 -0.06
N SER D 43 6.93 -13.78 0.09
CA SER D 43 5.73 -14.50 -0.32
C SER D 43 4.85 -13.57 -1.12
N ASP D 44 4.24 -14.10 -2.17
CA ASP D 44 3.35 -13.31 -3.01
C ASP D 44 1.90 -13.38 -2.57
N GLU D 45 1.57 -14.16 -1.52
CA GLU D 45 0.20 -14.23 -1.03
C GLU D 45 0.05 -13.38 0.23
N ALA D 46 -0.53 -12.20 0.07
CA ALA D 46 -0.96 -11.39 1.20
C ALA D 46 -2.26 -11.94 1.77
N ASP D 47 -2.50 -11.69 3.06
CA ASP D 47 -3.81 -12.02 3.59
C ASP D 47 -4.13 -11.08 4.74
N LEU D 48 -5.38 -11.16 5.19
CA LEU D 48 -5.91 -10.21 6.15
C LEU D 48 -5.61 -10.62 7.57
N VAL D 49 -5.24 -9.63 8.40
CA VAL D 49 -5.02 -9.80 9.82
C VAL D 49 -5.80 -8.71 10.57
N LEU D 50 -6.22 -9.03 11.79
CA LEU D 50 -6.83 -8.02 12.64
C LEU D 50 -5.83 -6.93 12.97
N ALA D 51 -6.29 -5.67 12.93
CA ALA D 51 -5.43 -4.55 13.32
C ALA D 51 -4.90 -4.74 14.73
N LYS D 52 -5.76 -5.20 15.64
CA LYS D 52 -5.32 -5.45 17.02
C LYS D 52 -4.12 -6.39 17.05
N GLU D 53 -4.11 -7.43 16.23
CA GLU D 53 -2.98 -8.34 16.27
C GLU D 53 -1.74 -7.70 15.66
N ALA D 54 -1.90 -6.99 14.53
CA ALA D 54 -0.77 -6.32 13.91
C ALA D 54 -0.17 -5.24 14.84
N ASN D 55 -1.03 -4.49 15.55
CA ASN D 55 -0.54 -3.48 16.49
C ASN D 55 0.43 -4.08 17.49
N MET D 56 0.08 -5.28 17.98
CA MET D 56 0.86 -6.02 18.97
C MET D 56 2.16 -6.55 18.38
N LYS D 57 2.05 -7.30 17.27
CA LYS D 57 3.15 -8.09 16.73
C LYS D 57 4.09 -7.32 15.83
N CYS D 58 3.60 -6.28 15.14
CA CYS D 58 4.52 -5.50 14.31
C CYS D 58 4.13 -4.03 14.33
N PRO D 59 4.22 -3.37 15.49
CA PRO D 59 3.80 -1.96 15.59
C PRO D 59 4.45 -1.04 14.59
N GLN D 60 5.74 -1.23 14.28
CA GLN D 60 6.39 -0.29 13.39
C GLN D 60 5.86 -0.42 11.97
N ILE D 61 5.45 -1.63 11.58
CA ILE D 61 4.83 -1.80 10.27
C ILE D 61 3.48 -1.12 10.23
N VAL D 62 2.69 -1.21 11.31
CA VAL D 62 1.44 -0.46 11.39
C VAL D 62 1.70 1.04 11.31
N ILE D 63 2.69 1.52 12.07
CA ILE D 63 2.98 2.95 12.05
C ILE D 63 3.40 3.40 10.66
N ALA D 64 4.19 2.57 9.96
CA ALA D 64 4.59 2.91 8.59
C ALA D 64 3.38 3.08 7.68
N PHE D 65 2.39 2.19 7.80
CA PHE D 65 1.19 2.30 6.97
C PHE D 65 0.46 3.61 7.22
N TYR D 66 0.38 4.04 8.47
CA TYR D 66 -0.32 5.29 8.78
C TYR D 66 0.48 6.51 8.34
N GLU D 67 1.80 6.49 8.59
CA GLU D 67 2.67 7.63 8.32
C GLU D 67 2.71 7.99 6.85
N GLU D 68 2.50 7.03 5.96
CA GLU D 68 2.61 7.30 4.54
C GLU D 68 1.38 7.95 3.95
N ARG D 69 0.28 8.08 4.72
CA ARG D 69 -0.97 8.60 4.19
C ARG D 69 -1.58 9.67 5.09
N LEU D 70 -0.74 10.50 5.72
CA LEU D 70 -1.27 11.58 6.55
C LEU D 70 -1.86 12.69 5.68
N THR D 71 -2.99 13.24 6.11
CA THR D 71 -3.52 14.43 5.48
C THR D 71 -3.90 15.44 6.55
N TRP D 72 -3.93 16.71 6.16
CA TRP D 72 -4.16 17.79 7.11
C TRP D 72 -5.45 18.51 6.79
N HIS D 73 -6.13 18.98 7.85
CA HIS D 73 -7.43 19.63 7.75
C HIS D 73 -7.32 21.10 7.33
N LYS E 11 15.72 22.94 32.54
CA LYS E 11 14.39 22.37 32.52
C LYS E 11 14.27 21.39 31.36
N PRO E 12 14.19 20.10 31.66
CA PRO E 12 14.00 19.13 30.59
C PRO E 12 12.64 19.30 29.94
N ARG E 13 12.57 18.94 28.67
CA ARG E 13 11.31 18.97 27.92
C ARG E 13 11.03 17.60 27.34
N GLY E 14 9.77 17.36 27.00
CA GLY E 14 9.40 16.13 26.29
C GLY E 14 9.76 14.87 27.05
N PHE E 15 10.37 13.91 26.34
CA PHE E 15 10.68 12.62 26.96
C PHE E 15 11.76 12.78 28.02
N ALA E 16 12.55 13.87 27.94
CA ALA E 16 13.61 14.11 28.90
C ALA E 16 13.08 14.46 30.29
N ARG E 17 11.79 14.74 30.42
CA ARG E 17 11.18 14.96 31.73
C ARG E 17 11.02 13.69 32.53
N GLY E 18 11.20 12.52 31.93
CA GLY E 18 11.19 11.28 32.68
C GLY E 18 9.82 10.76 33.06
N LEU E 19 8.77 11.32 32.48
CA LEU E 19 7.40 10.90 32.73
C LEU E 19 6.98 9.84 31.72
N ASP E 20 5.98 9.05 32.12
CA ASP E 20 5.37 8.08 31.20
C ASP E 20 4.40 8.81 30.27
N PRO E 21 4.44 8.53 28.97
CA PRO E 21 3.45 9.14 28.06
C PRO E 21 2.06 8.61 28.35
N GLU E 22 1.06 9.49 28.22
CA GLU E 22 -0.32 9.09 28.42
C GLU E 22 -1.12 9.03 27.13
N ARG E 23 -1.12 10.11 26.35
CA ARG E 23 -1.82 10.08 25.08
C ARG E 23 -1.35 11.23 24.22
N ILE E 24 -1.42 11.04 22.91
CA ILE E 24 -1.15 12.16 21.99
C ILE E 24 -2.42 12.97 21.82
N ILE E 25 -2.33 14.27 22.07
CA ILE E 25 -3.53 15.11 21.98
C ILE E 25 -3.57 15.96 20.72
N GLY E 26 -2.52 15.95 19.91
CA GLY E 26 -2.54 16.67 18.65
C GLY E 26 -1.22 16.48 17.92
N ALA E 27 -1.12 17.12 16.76
CA ALA E 27 0.09 16.92 15.96
C ALA E 27 0.32 18.14 15.08
N THR E 28 1.58 18.36 14.70
CA THR E 28 1.85 19.42 13.74
C THR E 28 3.13 19.10 12.97
N ASP E 29 3.21 19.68 11.77
CA ASP E 29 4.36 19.58 10.88
C ASP E 29 5.07 20.91 10.66
N SER E 30 4.74 21.93 11.45
CA SER E 30 5.25 23.28 11.20
C SER E 30 6.75 23.38 11.41
N SER E 31 7.36 22.45 12.14
CA SER E 31 8.81 22.40 12.28
C SER E 31 9.49 21.73 11.09
N GLY E 32 8.73 21.21 10.12
CA GLY E 32 9.25 20.47 9.00
C GLY E 32 9.42 18.99 9.25
N GLU E 33 9.24 18.56 10.49
CA GLU E 33 9.15 17.17 10.90
C GLU E 33 7.84 16.99 11.63
N LEU E 34 7.28 15.79 11.57
CA LEU E 34 6.08 15.49 12.34
C LEU E 34 6.39 15.49 13.83
N MET E 35 5.62 16.27 14.60
CA MET E 35 5.71 16.25 16.05
C MET E 35 4.34 16.06 16.66
N PHE E 36 4.33 15.39 17.81
CA PHE E 36 3.11 15.13 18.56
C PHE E 36 3.06 16.02 19.79
N LEU E 37 1.87 16.55 20.11
CA LEU E 37 1.67 17.13 21.43
C LEU E 37 1.31 15.99 22.37
N MET E 38 2.19 15.72 23.35
CA MET E 38 2.07 14.53 24.18
C MET E 38 1.61 14.91 25.58
N LYS E 39 0.49 14.34 26.01
CA LYS E 39 0.07 14.42 27.40
C LYS E 39 0.83 13.35 28.20
N TRP E 40 1.40 13.75 29.33
CA TRP E 40 2.17 12.87 30.18
C TRP E 40 1.35 12.47 31.40
N LYS E 41 1.56 11.22 31.86
CA LYS E 41 0.88 10.72 33.06
C LYS E 41 1.19 11.60 34.26
N ASP E 42 0.13 11.98 34.98
CA ASP E 42 0.22 12.71 36.25
C ASP E 42 0.74 14.13 36.08
N SER E 43 0.53 14.72 34.90
CA SER E 43 0.96 16.08 34.63
C SER E 43 -0.03 16.74 33.69
N ASP E 44 -0.37 17.99 33.98
CA ASP E 44 -1.24 18.76 33.11
C ASP E 44 -0.46 19.62 32.12
N GLU E 45 0.87 19.47 32.09
CA GLU E 45 1.74 20.24 31.20
C GLU E 45 2.17 19.35 30.04
N ALA E 46 1.48 19.48 28.90
CA ALA E 46 1.85 18.72 27.71
C ALA E 46 2.98 19.44 26.98
N ASP E 47 3.69 18.71 26.13
CA ASP E 47 4.65 19.39 25.27
C ASP E 47 4.95 18.52 24.06
N LEU E 48 5.76 19.08 23.15
CA LEU E 48 5.95 18.52 21.83
C LEU E 48 7.12 17.53 21.83
N VAL E 49 6.91 16.40 21.17
CA VAL E 49 7.96 15.42 20.95
C VAL E 49 8.01 15.06 19.46
N LEU E 50 9.19 14.69 18.99
CA LEU E 50 9.32 14.18 17.63
C LEU E 50 8.54 12.89 17.48
N ALA E 51 7.80 12.77 16.37
CA ALA E 51 7.06 11.54 16.10
C ALA E 51 8.01 10.34 16.02
N LYS E 52 9.19 10.53 15.44
CA LYS E 52 10.17 9.44 15.37
C LYS E 52 10.53 8.92 16.75
N GLU E 53 10.61 9.81 17.74
CA GLU E 53 10.92 9.36 19.10
C GLU E 53 9.74 8.61 19.71
N ALA E 54 8.52 9.15 19.57
CA ALA E 54 7.34 8.46 20.09
C ALA E 54 7.14 7.10 19.42
N ASN E 55 7.42 7.01 18.10
CA ASN E 55 7.29 5.71 17.42
C ASN E 55 8.10 4.63 18.14
N MET E 56 9.31 5.00 18.57
CA MET E 56 10.23 4.05 19.21
C MET E 56 9.86 3.81 20.68
N LYS E 57 9.49 4.86 21.41
CA LYS E 57 9.33 4.76 22.85
C LYS E 57 7.92 4.41 23.30
N CYS E 58 6.88 4.81 22.57
CA CYS E 58 5.49 4.47 22.91
C CYS E 58 4.69 4.20 21.65
N PRO E 59 5.05 3.14 20.91
CA PRO E 59 4.35 2.88 19.64
C PRO E 59 2.84 2.69 19.80
N GLN E 60 2.39 2.07 20.90
CA GLN E 60 0.95 1.83 21.03
C GLN E 60 0.17 3.13 21.18
N ILE E 61 0.78 4.13 21.82
CA ILE E 61 0.15 5.45 21.95
C ILE E 61 0.09 6.16 20.60
N VAL E 62 1.12 5.99 19.79
CA VAL E 62 1.10 6.51 18.42
C VAL E 62 0.00 5.84 17.61
N ILE E 63 -0.07 4.51 17.69
CA ILE E 63 -1.07 3.77 16.92
C ILE E 63 -2.49 4.16 17.35
N ALA E 64 -2.73 4.26 18.66
CA ALA E 64 -4.05 4.69 19.12
C ALA E 64 -4.45 6.03 18.52
N PHE E 65 -3.50 6.97 18.46
CA PHE E 65 -3.79 8.27 17.88
C PHE E 65 -4.19 8.15 16.40
N TYR E 66 -3.39 7.41 15.62
CA TYR E 66 -3.64 7.28 14.19
C TYR E 66 -4.91 6.48 13.93
N GLU E 67 -5.03 5.33 14.59
CA GLU E 67 -6.17 4.45 14.38
C GLU E 67 -7.48 5.20 14.55
N GLU E 68 -7.55 6.11 15.53
CA GLU E 68 -8.77 6.87 15.76
C GLU E 68 -9.04 7.88 14.65
N ARG E 69 -8.03 8.25 13.88
CA ARG E 69 -8.22 9.23 12.82
C ARG E 69 -8.16 8.62 11.43
N LEU E 70 -8.12 7.29 11.34
CA LEU E 70 -8.15 6.63 10.04
C LEU E 70 -9.51 6.86 9.37
N THR E 71 -9.48 7.27 8.11
CA THR E 71 -10.71 7.58 7.38
C THR E 71 -10.55 7.12 5.95
N TRP E 72 -11.63 7.17 5.20
CA TRP E 72 -11.60 6.93 3.76
C TRP E 72 -12.19 8.13 3.07
N HIS E 73 -11.38 8.80 2.25
CA HIS E 73 -11.87 9.80 1.30
C HIS E 73 -10.73 10.34 0.43
N GLU F 3 -15.48 0.49 -6.24
CA GLU F 3 -14.48 1.24 -6.97
C GLU F 3 -14.02 2.45 -6.18
N HIS F 4 -13.84 2.25 -4.88
CA HIS F 4 -14.03 3.31 -3.92
C HIS F 4 -12.78 4.07 -3.47
N LYS F 5 -12.68 4.30 -2.17
CA LYS F 5 -11.81 5.31 -1.62
C LYS F 5 -10.50 4.71 -1.13
N ILE F 6 -9.51 5.59 -0.93
CA ILE F 6 -8.21 5.26 -0.36
C ILE F 6 -8.24 5.62 1.12
N PRO F 7 -7.72 4.79 2.02
CA PRO F 7 -7.66 5.18 3.43
C PRO F 7 -6.59 6.22 3.67
N TYR F 8 -6.91 7.21 4.51
CA TYR F 8 -5.96 8.22 4.94
C TYR F 8 -6.08 8.39 6.46
N VAL F 9 -5.07 9.03 7.05
CA VAL F 9 -5.15 9.49 8.44
C VAL F 9 -5.37 11.00 8.41
N ARG F 10 -6.54 11.47 8.85
CA ARG F 10 -6.86 12.91 8.82
C ARG F 10 -6.39 13.55 10.12
N LEU F 11 -5.42 14.44 10.02
CA LEU F 11 -4.96 15.21 11.15
C LEU F 11 -5.38 16.66 10.99
N GLU F 12 -5.35 17.40 12.09
CA GLU F 12 -5.49 18.84 12.01
C GLU F 12 -4.35 19.48 12.77
N ARG F 13 -3.80 20.55 12.21
CA ARG F 13 -2.64 21.16 12.81
C ARG F 13 -3.04 21.80 14.13
N LEU F 14 -2.17 21.63 15.12
CA LEU F 14 -2.38 22.28 16.41
C LEU F 14 -2.53 23.78 16.21
N LYS F 15 -3.45 24.38 16.95
CA LYS F 15 -3.77 25.79 16.82
C LYS F 15 -2.92 26.66 17.74
#